data_4NH9
#
_entry.id   4NH9
#
_cell.length_a   91.102
_cell.length_b   101.194
_cell.length_c   63.497
_cell.angle_alpha   90.00
_cell.angle_beta   90.00
_cell.angle_gamma   90.00
#
_symmetry.space_group_name_H-M   'C 2 2 21'
#
loop_
_entity.id
_entity.type
_entity.pdbx_description
1 polymer Endoplasmin
2 non-polymer 2-fluoro-6-[(3S)-tetrahydrofuran-3-ylamino]-4-(3,6,6-trimethyl-4-oxo-4,5,6,7-tetrahydro-1H-indol-1-yl)benzamide
#
_entity_poly.entity_id   1
_entity_poly.type   'polypeptide(L)'
_entity_poly.pdbx_seq_one_letter_code
;GSHMLREKSEKFAFQAEVNRMMKLIINSLYKNKEIFLRELISNASDALDKIRLISLTDENALSGNEELTVKIKCDKEKNL
LHVTDTGVGMTREELVKNLGTIAKSGTSEFLNKMTEAQEDGQSTSELIGQFGVGFYSAFLVADKVIVTSKHNNDTQHIWE
SDSNEFSVIADPRGNTLGRGTTITLVLKEEASDYLELDTIKNLVKKYSQFINFPIYVWSSKTETVEEPMEEEEAAKEEKE
ESDDEAAVEEEEEEKKPKTKKVEKTVWDWELMN
;
_entity_poly.pdbx_strand_id   A
#
# COMPACT_ATOMS: atom_id res chain seq x y z
N SER A 9 -1.88 11.99 -19.44
CA SER A 9 -3.25 12.01 -18.97
C SER A 9 -4.14 10.98 -19.69
N GLU A 10 -4.94 10.21 -18.90
CA GLU A 10 -5.92 9.18 -19.31
C GLU A 10 -6.76 8.70 -18.13
N LYS A 11 -8.08 9.06 -18.13
CA LYS A 11 -9.06 8.70 -17.09
C LYS A 11 -9.76 7.38 -17.42
N PHE A 12 -10.10 6.59 -16.38
CA PHE A 12 -10.76 5.28 -16.45
C PHE A 12 -11.75 5.08 -15.31
N ALA A 13 -12.77 4.24 -15.55
CA ALA A 13 -13.81 3.87 -14.59
C ALA A 13 -13.54 2.45 -14.08
N PHE A 14 -14.00 2.15 -12.85
CA PHE A 14 -13.83 0.82 -12.24
C PHE A 14 -14.91 -0.12 -12.75
N GLN A 15 -14.56 -1.42 -12.88
CA GLN A 15 -15.45 -2.50 -13.31
C GLN A 15 -16.47 -2.73 -12.19
N ALA A 16 -17.74 -3.05 -12.55
CA ALA A 16 -18.90 -3.30 -11.68
C ALA A 16 -18.59 -4.07 -10.39
N GLU A 17 -17.84 -5.18 -10.53
CA GLU A 17 -17.41 -6.10 -9.47
C GLU A 17 -16.46 -5.42 -8.48
N VAL A 18 -15.52 -4.57 -8.99
CA VAL A 18 -14.53 -3.80 -8.21
C VAL A 18 -15.27 -2.74 -7.37
N ASN A 19 -16.26 -2.03 -7.98
CA ASN A 19 -17.10 -1.01 -7.32
C ASN A 19 -17.91 -1.64 -6.16
N ARG A 20 -18.44 -2.86 -6.40
CA ARG A 20 -19.21 -3.71 -5.48
C ARG A 20 -18.28 -4.19 -4.34
N MET A 21 -17.00 -4.52 -4.67
CA MET A 21 -15.95 -5.00 -3.76
C MET A 21 -15.53 -3.92 -2.75
N MET A 22 -15.32 -2.66 -3.22
CA MET A 22 -14.91 -1.49 -2.43
C MET A 22 -15.89 -1.19 -1.29
N LYS A 23 -17.22 -1.21 -1.60
CA LYS A 23 -18.35 -0.99 -0.69
C LYS A 23 -18.39 -2.08 0.40
N LEU A 24 -18.14 -3.36 -0.01
CA LEU A 24 -18.11 -4.56 0.84
C LEU A 24 -16.98 -4.49 1.87
N ILE A 25 -15.74 -4.13 1.43
CA ILE A 25 -14.52 -3.99 2.26
C ILE A 25 -14.77 -2.91 3.34
N ILE A 26 -15.31 -1.74 2.91
CA ILE A 26 -15.67 -0.58 3.75
C ILE A 26 -16.69 -1.02 4.84
N ASN A 27 -17.73 -1.81 4.47
CA ASN A 27 -18.77 -2.35 5.36
C ASN A 27 -18.14 -3.30 6.41
N SER A 28 -17.52 -4.41 5.95
CA SER A 28 -16.83 -5.48 6.71
C SER A 28 -15.84 -5.02 7.77
N LEU A 29 -15.06 -3.94 7.49
CA LEU A 29 -14.02 -3.39 8.37
C LEU A 29 -14.24 -1.91 8.80
N TYR A 30 -15.53 -1.47 8.87
CA TYR A 30 -15.95 -0.10 9.25
C TYR A 30 -15.50 0.33 10.66
N LYS A 31 -15.55 -0.59 11.65
CA LYS A 31 -15.12 -0.33 13.03
C LYS A 31 -13.62 -0.54 13.20
N ASN A 32 -13.08 -1.62 12.59
CA ASN A 32 -11.66 -1.99 12.62
C ASN A 32 -10.95 -1.39 11.37
N LYS A 33 -10.93 -0.03 11.30
CA LYS A 33 -10.34 0.78 10.22
C LYS A 33 -8.82 0.63 10.10
N GLU A 34 -8.11 0.42 11.24
CA GLU A 34 -6.64 0.26 11.35
C GLU A 34 -6.06 -0.89 10.47
N ILE A 35 -6.92 -1.83 9.99
CA ILE A 35 -6.61 -2.98 9.13
C ILE A 35 -5.98 -2.58 7.77
N PHE A 36 -6.09 -1.28 7.36
CA PHE A 36 -5.54 -0.72 6.12
C PHE A 36 -4.02 -0.91 6.07
N LEU A 37 -3.40 -0.60 7.19
CA LEU A 37 -1.99 -0.76 7.42
C LEU A 37 -1.51 -2.17 7.39
N ARG A 38 -2.29 -3.09 7.90
CA ARG A 38 -1.95 -4.49 7.81
C ARG A 38 -1.90 -4.87 6.35
N GLU A 39 -2.86 -4.39 5.58
CA GLU A 39 -2.93 -4.67 4.17
C GLU A 39 -1.82 -4.08 3.34
N LEU A 40 -1.46 -2.84 3.63
CA LEU A 40 -0.42 -2.16 2.91
C LEU A 40 0.90 -2.88 3.07
N ILE A 41 1.15 -3.38 4.27
CA ILE A 41 2.34 -4.14 4.66
C ILE A 41 2.29 -5.53 3.95
N SER A 42 1.06 -6.14 3.82
CA SER A 42 0.83 -7.43 3.16
C SER A 42 1.23 -7.38 1.68
N ASN A 43 0.80 -6.30 0.95
CA ASN A 43 1.10 -6.05 -0.47
C ASN A 43 2.60 -5.84 -0.66
N ALA A 44 3.22 -5.06 0.27
CA ALA A 44 4.65 -4.74 0.31
C ALA A 44 5.47 -6.01 0.52
N SER A 45 4.98 -6.94 1.38
CA SER A 45 5.62 -8.23 1.67
C SER A 45 5.55 -9.13 0.42
N ASP A 46 4.36 -9.21 -0.24
CA ASP A 46 4.10 -10.00 -1.46
C ASP A 46 4.98 -9.59 -2.64
N ALA A 47 5.19 -8.26 -2.82
CA ALA A 47 6.00 -7.63 -3.86
C ALA A 47 7.48 -7.94 -3.65
N LEU A 48 7.98 -7.74 -2.40
CA LEU A 48 9.36 -7.99 -2.00
C LEU A 48 9.77 -9.46 -2.11
N ASP A 49 8.84 -10.38 -1.74
CA ASP A 49 9.02 -11.83 -1.81
C ASP A 49 9.15 -12.26 -3.27
N LYS A 50 8.30 -11.69 -4.17
CA LYS A 50 8.27 -11.99 -5.61
C LYS A 50 9.58 -11.62 -6.30
N ILE A 51 10.12 -10.39 -6.05
CA ILE A 51 11.38 -9.94 -6.67
C ILE A 51 12.58 -10.74 -6.10
N ARG A 52 12.47 -11.24 -4.85
CA ARG A 52 13.48 -12.07 -4.18
C ARG A 52 13.51 -13.44 -4.90
N LEU A 53 12.33 -13.95 -5.34
CA LEU A 53 12.18 -15.22 -6.08
C LEU A 53 12.72 -15.06 -7.50
N ILE A 54 12.48 -13.87 -8.13
CA ILE A 54 12.95 -13.49 -9.48
C ILE A 54 14.49 -13.43 -9.45
N SER A 55 15.09 -12.89 -8.34
CA SER A 55 16.54 -12.76 -8.13
C SER A 55 17.28 -14.11 -8.15
N LEU A 56 16.57 -15.23 -7.86
CA LEU A 56 17.09 -16.60 -7.86
C LEU A 56 17.24 -17.13 -9.30
N THR A 57 16.47 -16.56 -10.25
CA THR A 57 16.46 -16.92 -11.69
C THR A 57 17.27 -15.91 -12.52
N ASP A 58 17.05 -14.60 -12.32
CA ASP A 58 17.71 -13.49 -13.00
C ASP A 58 18.77 -12.87 -12.08
N GLU A 59 20.03 -12.87 -12.56
CA GLU A 59 21.21 -12.33 -11.86
C GLU A 59 21.18 -10.80 -11.75
N ASN A 60 20.58 -10.12 -12.75
CA ASN A 60 20.47 -8.66 -12.85
C ASN A 60 19.07 -8.11 -12.44
N ALA A 61 18.27 -8.93 -11.73
CA ALA A 61 16.92 -8.61 -11.25
C ALA A 61 16.85 -7.46 -10.24
N LEU A 62 17.90 -7.27 -9.46
CA LEU A 62 17.94 -6.26 -8.41
C LEU A 62 18.73 -5.01 -8.71
N SER A 63 19.14 -4.85 -9.95
CA SER A 63 20.00 -3.76 -10.33
C SER A 63 19.39 -2.41 -10.11
N GLY A 64 18.10 -2.31 -10.37
CA GLY A 64 17.34 -1.08 -10.15
C GLY A 64 17.48 -0.52 -8.74
N ASN A 65 17.50 -1.42 -7.71
CA ASN A 65 17.63 -1.11 -6.29
C ASN A 65 18.13 -2.35 -5.52
N GLU A 66 19.32 -2.24 -4.90
CA GLU A 66 19.96 -3.32 -4.13
C GLU A 66 19.27 -3.63 -2.80
N GLU A 67 18.60 -2.61 -2.20
CA GLU A 67 17.87 -2.72 -0.93
C GLU A 67 16.52 -3.43 -1.08
N LEU A 68 16.11 -4.18 -0.04
CA LEU A 68 14.86 -4.95 0.06
C LEU A 68 14.20 -4.60 1.40
N THR A 69 13.58 -3.39 1.44
CA THR A 69 12.93 -2.79 2.63
C THR A 69 11.51 -2.22 2.39
N VAL A 70 10.83 -1.80 3.50
CA VAL A 70 9.52 -1.15 3.59
C VAL A 70 9.82 0.15 4.39
N LYS A 71 9.59 1.31 3.78
CA LYS A 71 9.83 2.65 4.36
C LYS A 71 8.53 3.46 4.48
N ILE A 72 8.05 3.61 5.74
CA ILE A 72 6.82 4.33 6.10
C ILE A 72 7.20 5.74 6.58
N LYS A 73 6.63 6.76 5.90
CA LYS A 73 6.86 8.19 6.15
C LYS A 73 5.53 8.94 6.29
N CYS A 74 5.41 9.76 7.35
CA CYS A 74 4.26 10.61 7.69
C CYS A 74 4.56 12.06 7.28
N ASP A 75 3.49 12.80 6.94
CA ASP A 75 3.54 14.20 6.54
C ASP A 75 2.31 14.85 7.17
N LYS A 76 2.51 15.49 8.34
CA LYS A 76 1.45 16.15 9.10
C LYS A 76 0.94 17.43 8.45
N GLU A 77 1.86 18.28 7.91
CA GLU A 77 1.55 19.56 7.26
C GLU A 77 0.71 19.40 5.97
N LYS A 78 1.08 18.44 5.09
CA LYS A 78 0.39 18.15 3.82
C LYS A 78 -0.72 17.08 3.96
N ASN A 79 -0.85 16.47 5.18
CA ASN A 79 -1.82 15.43 5.58
C ASN A 79 -1.70 14.18 4.65
N LEU A 80 -0.45 13.63 4.57
CA LEU A 80 -0.07 12.47 3.74
C LEU A 80 0.68 11.35 4.47
N LEU A 81 0.38 10.09 4.08
CA LEU A 81 1.00 8.86 4.58
C LEU A 81 1.57 8.11 3.38
N HIS A 82 2.90 7.88 3.41
CA HIS A 82 3.67 7.21 2.37
C HIS A 82 4.18 5.85 2.88
N VAL A 83 3.93 4.77 2.11
CA VAL A 83 4.35 3.39 2.39
C VAL A 83 5.11 2.95 1.11
N THR A 84 6.45 3.05 1.17
CA THR A 84 7.38 2.73 0.07
C THR A 84 8.03 1.36 0.24
N ASP A 85 7.92 0.51 -0.77
CA ASP A 85 8.55 -0.81 -0.79
C ASP A 85 9.49 -0.89 -1.99
N THR A 86 10.56 -1.70 -1.88
CA THR A 86 11.54 -1.90 -2.95
C THR A 86 11.30 -3.32 -3.55
N GLY A 87 10.02 -3.64 -3.76
CA GLY A 87 9.54 -4.90 -4.32
C GLY A 87 9.57 -4.95 -5.82
N VAL A 88 8.88 -5.95 -6.40
CA VAL A 88 8.78 -6.22 -7.86
C VAL A 88 8.27 -4.98 -8.66
N GLY A 89 7.33 -4.24 -8.09
CA GLY A 89 6.70 -3.08 -8.69
C GLY A 89 5.54 -3.53 -9.58
N MET A 90 4.99 -2.59 -10.36
CA MET A 90 3.87 -2.82 -11.27
C MET A 90 4.06 -2.04 -12.57
N THR A 91 3.83 -2.72 -13.72
CA THR A 91 3.92 -2.13 -15.06
C THR A 91 2.68 -1.24 -15.32
N ARG A 92 2.65 -0.55 -16.49
CA ARG A 92 1.53 0.31 -16.88
C ARG A 92 0.27 -0.55 -17.07
N GLU A 93 0.42 -1.75 -17.68
CA GLU A 93 -0.65 -2.73 -17.94
C GLU A 93 -1.32 -3.18 -16.64
N GLU A 94 -0.50 -3.48 -15.60
CA GLU A 94 -0.94 -3.93 -14.26
C GLU A 94 -1.74 -2.88 -13.48
N LEU A 95 -1.48 -1.58 -13.74
CA LEU A 95 -2.15 -0.45 -13.10
C LEU A 95 -3.48 -0.13 -13.78
N VAL A 96 -3.51 -0.16 -15.13
CA VAL A 96 -4.69 0.08 -15.98
C VAL A 96 -5.72 -1.06 -15.80
N LYS A 97 -5.24 -2.34 -15.78
CA LYS A 97 -6.07 -3.56 -15.65
C LYS A 97 -6.47 -3.96 -14.19
N ASN A 98 -6.25 -3.09 -13.17
CA ASN A 98 -6.64 -3.40 -11.78
C ASN A 98 -7.43 -2.27 -11.09
N PHE A 110 -13.99 -14.23 -4.77
CA PHE A 110 -14.04 -13.53 -3.49
C PHE A 110 -15.48 -13.21 -3.08
N LEU A 111 -16.21 -12.46 -3.94
CA LEU A 111 -17.60 -11.98 -3.82
C LEU A 111 -18.61 -13.04 -3.36
N ASN A 112 -18.46 -14.29 -3.84
CA ASN A 112 -19.32 -15.44 -3.52
C ASN A 112 -19.17 -15.82 -2.04
N LYS A 113 -17.95 -16.31 -1.63
CA LYS A 113 -17.60 -16.74 -0.26
C LYS A 113 -17.77 -15.61 0.79
N MET A 114 -17.70 -14.33 0.36
CA MET A 114 -17.88 -13.13 1.18
C MET A 114 -19.35 -13.00 1.59
N THR A 115 -20.27 -12.86 0.60
CA THR A 115 -21.74 -12.72 0.73
C THR A 115 -22.42 -13.85 1.52
N GLU A 116 -21.91 -15.11 1.44
CA GLU A 116 -22.43 -16.29 2.16
C GLU A 116 -22.17 -16.12 3.67
N ALA A 117 -20.94 -15.67 4.02
CA ALA A 117 -20.44 -15.41 5.38
C ALA A 117 -21.06 -14.15 6.01
N GLN A 118 -21.40 -13.12 5.17
CA GLN A 118 -22.03 -11.85 5.56
C GLN A 118 -23.46 -12.11 6.09
N GLU A 119 -24.21 -13.00 5.40
CA GLU A 119 -25.59 -13.41 5.70
C GLU A 119 -25.72 -14.23 7.01
N ASP A 120 -24.63 -14.93 7.41
CA ASP A 120 -24.53 -15.77 8.62
C ASP A 120 -24.00 -15.03 9.87
N GLY A 121 -23.33 -13.89 9.67
CA GLY A 121 -22.75 -13.05 10.73
C GLY A 121 -21.29 -13.35 11.07
N GLN A 122 -20.69 -14.31 10.36
CA GLN A 122 -19.30 -14.80 10.49
C GLN A 122 -18.24 -13.73 10.18
N SER A 123 -17.04 -13.86 10.81
CA SER A 123 -15.87 -12.97 10.63
C SER A 123 -15.31 -13.12 9.22
N THR A 124 -15.16 -11.98 8.52
CA THR A 124 -14.70 -11.90 7.13
C THR A 124 -13.30 -11.26 6.95
N SER A 125 -12.74 -10.59 8.01
CA SER A 125 -11.42 -9.91 8.03
C SER A 125 -10.27 -10.73 7.43
N GLU A 126 -10.28 -12.07 7.67
CA GLU A 126 -9.30 -13.04 7.18
C GLU A 126 -9.44 -13.32 5.68
N LEU A 127 -10.69 -13.26 5.11
CA LEU A 127 -11.00 -13.49 3.69
C LEU A 127 -10.40 -12.42 2.77
N ILE A 128 -10.45 -11.13 3.19
CA ILE A 128 -9.92 -9.94 2.49
C ILE A 128 -8.38 -10.13 2.22
N GLY A 129 -7.69 -10.69 3.21
CA GLY A 129 -6.26 -11.00 3.18
C GLY A 129 -5.95 -12.29 2.42
N GLN A 130 -6.87 -13.29 2.48
CA GLN A 130 -6.79 -14.61 1.83
C GLN A 130 -6.78 -14.51 0.31
N PHE A 131 -7.71 -13.69 -0.26
CA PHE A 131 -7.87 -13.46 -1.70
C PHE A 131 -6.97 -12.31 -2.25
N GLY A 132 -6.19 -11.69 -1.35
CA GLY A 132 -5.23 -10.61 -1.62
C GLY A 132 -5.78 -9.35 -2.28
N VAL A 133 -7.05 -9.00 -1.99
CA VAL A 133 -7.76 -7.81 -2.53
C VAL A 133 -7.89 -6.67 -1.47
N GLY A 134 -7.00 -6.72 -0.48
CA GLY A 134 -6.92 -5.79 0.65
C GLY A 134 -6.47 -4.35 0.39
N PHE A 135 -6.01 -4.03 -0.84
CA PHE A 135 -5.54 -2.68 -1.20
C PHE A 135 -6.61 -1.58 -1.01
N TYR A 136 -7.87 -1.88 -1.38
CA TYR A 136 -9.01 -0.96 -1.31
C TYR A 136 -9.45 -0.59 0.14
N SER A 137 -8.83 -1.20 1.20
CA SER A 137 -9.09 -0.92 2.61
C SER A 137 -8.49 0.47 2.98
N ALA A 138 -7.64 1.03 2.08
CA ALA A 138 -6.98 2.34 2.17
C ALA A 138 -8.01 3.47 2.04
N PHE A 139 -9.15 3.22 1.35
CA PHE A 139 -10.25 4.17 1.13
C PHE A 139 -11.13 4.39 2.39
N LEU A 140 -10.89 3.60 3.47
CA LEU A 140 -11.57 3.70 4.77
C LEU A 140 -11.00 4.91 5.53
N VAL A 141 -9.70 5.21 5.30
CA VAL A 141 -8.93 6.29 5.92
C VAL A 141 -8.53 7.42 4.93
N ALA A 142 -8.49 7.16 3.61
CA ALA A 142 -8.10 8.16 2.62
C ALA A 142 -9.19 8.53 1.61
N ASP A 143 -9.28 9.84 1.31
CA ASP A 143 -10.19 10.45 0.34
C ASP A 143 -9.65 10.29 -1.09
N LYS A 144 -8.31 10.07 -1.19
CA LYS A 144 -7.55 9.87 -2.42
C LYS A 144 -6.33 8.98 -2.15
N VAL A 145 -6.04 8.06 -3.10
CA VAL A 145 -4.91 7.11 -3.05
C VAL A 145 -4.05 7.31 -4.31
N ILE A 146 -2.73 7.47 -4.12
CA ILE A 146 -1.73 7.66 -5.18
C ILE A 146 -0.74 6.49 -5.13
N VAL A 147 -0.58 5.78 -6.25
CA VAL A 147 0.31 4.64 -6.42
C VAL A 147 1.36 5.00 -7.48
N THR A 148 2.63 5.15 -7.03
CA THR A 148 3.80 5.45 -7.84
C THR A 148 4.55 4.11 -7.89
N SER A 149 4.63 3.47 -9.08
CA SER A 149 5.28 2.16 -9.23
C SER A 149 6.28 2.08 -10.39
N LYS A 150 7.40 1.34 -10.18
CA LYS A 150 8.50 1.08 -11.12
C LYS A 150 8.90 -0.41 -11.18
N HIS A 151 8.68 -1.03 -12.35
CA HIS A 151 8.96 -2.43 -12.71
C HIS A 151 10.18 -2.50 -13.65
N ASN A 152 11.10 -3.44 -13.37
CA ASN A 152 12.40 -3.76 -14.00
C ASN A 152 12.56 -3.50 -15.52
N ASN A 153 11.53 -3.78 -16.36
CA ASN A 153 11.65 -3.56 -17.81
C ASN A 153 10.47 -2.72 -18.39
N ASP A 154 10.11 -1.64 -17.67
CA ASP A 154 9.06 -0.66 -18.00
C ASP A 154 9.34 0.66 -17.26
N THR A 155 8.78 1.78 -17.78
CA THR A 155 8.92 3.14 -17.19
C THR A 155 8.07 3.28 -15.92
N GLN A 156 8.40 4.26 -15.05
CA GLN A 156 7.68 4.55 -13.79
C GLN A 156 6.37 5.28 -14.10
N HIS A 157 5.26 4.81 -13.49
CA HIS A 157 3.90 5.36 -13.66
C HIS A 157 3.22 5.78 -12.34
N ILE A 158 2.12 6.58 -12.45
CA ILE A 158 1.29 7.10 -11.36
C ILE A 158 -0.19 6.73 -11.59
N TRP A 159 -0.77 5.96 -10.65
CA TRP A 159 -2.15 5.51 -10.57
C TRP A 159 -2.76 6.41 -9.47
N GLU A 160 -3.82 7.13 -9.78
CA GLU A 160 -4.47 8.06 -8.85
C GLU A 160 -6.00 7.85 -8.83
N SER A 161 -6.59 7.66 -7.62
CA SER A 161 -8.03 7.43 -7.44
C SER A 161 -8.65 7.95 -6.15
N ASP A 162 -9.89 8.45 -6.26
CA ASP A 162 -10.74 8.98 -5.18
C ASP A 162 -11.96 8.04 -4.91
N SER A 163 -11.90 6.79 -5.50
CA SER A 163 -12.82 5.61 -5.50
C SER A 163 -13.90 5.67 -6.62
N ASN A 164 -14.18 6.89 -7.14
CA ASN A 164 -15.17 7.17 -8.19
C ASN A 164 -14.59 6.94 -9.59
N GLU A 165 -13.30 7.28 -9.79
CA GLU A 165 -12.53 7.13 -11.03
C GLU A 165 -11.03 6.94 -10.74
N PHE A 166 -10.29 6.36 -11.70
CA PHE A 166 -8.84 6.14 -11.61
C PHE A 166 -8.14 6.58 -12.88
N SER A 167 -6.92 7.14 -12.76
CA SER A 167 -6.12 7.61 -13.88
C SER A 167 -4.67 7.12 -13.80
N VAL A 168 -4.14 6.60 -14.95
CA VAL A 168 -2.77 6.08 -15.08
C VAL A 168 -1.96 6.98 -16.03
N ILE A 169 -0.99 7.71 -15.47
CA ILE A 169 -0.10 8.65 -16.16
C ILE A 169 1.36 8.21 -16.02
N ALA A 170 2.22 8.65 -16.96
CA ALA A 170 3.67 8.38 -16.91
C ALA A 170 4.21 9.42 -15.93
N ASP A 171 5.10 8.99 -14.99
CA ASP A 171 5.70 9.87 -13.98
C ASP A 171 6.60 10.93 -14.67
N PRO A 172 6.27 12.26 -14.60
CA PRO A 172 7.12 13.28 -15.27
C PRO A 172 8.55 13.42 -14.76
N ARG A 173 8.80 12.98 -13.50
CA ARG A 173 10.10 13.00 -12.81
C ARG A 173 11.02 11.90 -13.37
N GLY A 174 10.41 10.85 -13.95
CA GLY A 174 11.06 9.69 -14.53
C GLY A 174 11.27 8.59 -13.51
N ASN A 175 12.38 7.84 -13.65
CA ASN A 175 12.74 6.76 -12.74
C ASN A 175 13.39 7.37 -11.48
N THR A 176 12.58 7.49 -10.41
CA THR A 176 12.98 8.06 -9.10
C THR A 176 13.11 7.02 -8.01
N LEU A 177 12.34 5.92 -8.10
CA LEU A 177 12.31 4.81 -7.13
C LEU A 177 13.38 3.75 -7.36
N GLY A 178 13.74 3.52 -8.63
CA GLY A 178 14.71 2.51 -9.04
C GLY A 178 13.96 1.25 -9.43
N ARG A 179 13.21 0.71 -8.44
CA ARG A 179 12.32 -0.46 -8.46
C ARG A 179 11.49 -0.45 -7.16
N GLY A 180 10.21 -0.77 -7.29
CA GLY A 180 9.26 -0.81 -6.19
C GLY A 180 8.05 0.10 -6.36
N THR A 181 7.31 0.32 -5.26
CA THR A 181 6.10 1.14 -5.24
C THR A 181 5.90 1.91 -3.92
N THR A 182 5.29 3.10 -4.05
CA THR A 182 4.94 4.06 -2.98
C THR A 182 3.42 4.24 -2.99
N ILE A 183 2.79 4.06 -1.82
CA ILE A 183 1.36 4.24 -1.62
C ILE A 183 1.23 5.52 -0.80
N THR A 184 0.72 6.57 -1.46
CA THR A 184 0.47 7.89 -0.90
C THR A 184 -1.01 7.95 -0.55
N LEU A 185 -1.33 8.39 0.68
CA LEU A 185 -2.70 8.51 1.17
C LEU A 185 -3.04 9.93 1.57
N VAL A 186 -4.03 10.53 0.88
CA VAL A 186 -4.55 11.87 1.15
C VAL A 186 -5.65 11.49 2.18
N LEU A 187 -5.25 11.42 3.46
CA LEU A 187 -6.08 11.01 4.59
C LEU A 187 -7.25 11.93 4.87
N LYS A 188 -8.34 11.32 5.38
CA LYS A 188 -9.59 11.95 5.78
C LYS A 188 -9.34 12.75 7.06
N GLU A 189 -10.22 13.75 7.34
CA GLU A 189 -10.20 14.63 8.52
C GLU A 189 -10.24 13.76 9.81
N GLU A 190 -11.11 12.72 9.80
CA GLU A 190 -11.36 11.72 10.85
C GLU A 190 -10.14 10.81 11.08
N ALA A 191 -9.33 10.55 10.02
CA ALA A 191 -8.15 9.69 10.00
C ALA A 191 -6.79 10.39 10.26
N SER A 192 -6.81 11.69 10.66
CA SER A 192 -5.62 12.52 10.99
C SER A 192 -4.71 11.92 12.09
N ASP A 193 -5.27 11.01 12.95
CA ASP A 193 -4.61 10.29 14.05
C ASP A 193 -3.50 9.35 13.54
N TYR A 194 -3.67 8.81 12.31
CA TYR A 194 -2.74 7.91 11.63
C TYR A 194 -1.48 8.64 11.05
N LEU A 195 -1.21 9.88 11.53
CA LEU A 195 -0.06 10.72 11.16
C LEU A 195 0.93 10.79 12.31
N GLU A 196 0.42 10.56 13.56
CA GLU A 196 1.18 10.52 14.81
C GLU A 196 2.10 9.30 14.70
N LEU A 197 3.44 9.54 14.82
CA LEU A 197 4.51 8.53 14.72
C LEU A 197 4.28 7.33 15.63
N ASP A 198 3.93 7.59 16.92
CA ASP A 198 3.64 6.59 17.96
C ASP A 198 2.48 5.63 17.56
N THR A 199 1.40 6.19 16.95
CA THR A 199 0.20 5.46 16.46
C THR A 199 0.61 4.48 15.33
N ILE A 200 1.46 4.96 14.38
CA ILE A 200 1.99 4.21 13.23
C ILE A 200 2.93 3.09 13.72
N LYS A 201 3.93 3.44 14.59
CA LYS A 201 4.93 2.55 15.20
C LYS A 201 4.29 1.29 15.82
N ASN A 202 3.27 1.49 16.69
CA ASN A 202 2.50 0.45 17.37
C ASN A 202 1.75 -0.46 16.38
N LEU A 203 1.16 0.16 15.33
CA LEU A 203 0.41 -0.52 14.27
C LEU A 203 1.29 -1.39 13.37
N VAL A 204 2.54 -0.95 13.09
CA VAL A 204 3.51 -1.69 12.26
C VAL A 204 3.85 -2.99 13.00
N LYS A 205 4.35 -2.87 14.27
CA LYS A 205 4.75 -3.96 15.17
C LYS A 205 3.66 -5.03 15.39
N LYS A 206 2.38 -4.66 15.27
CA LYS A 206 1.18 -5.50 15.40
C LYS A 206 0.99 -6.41 14.17
N TYR A 207 1.29 -5.91 12.94
CA TYR A 207 1.12 -6.64 11.67
C TYR A 207 2.45 -6.98 10.90
N SER A 208 3.63 -6.79 11.54
CA SER A 208 4.96 -7.07 10.95
C SER A 208 5.61 -8.43 11.33
N GLN A 209 4.99 -9.17 12.28
CA GLN A 209 5.43 -10.48 12.82
C GLN A 209 5.73 -11.57 11.76
N PHE A 210 4.90 -11.69 10.69
CA PHE A 210 5.05 -12.68 9.61
C PHE A 210 6.05 -12.27 8.51
N ILE A 211 6.25 -10.95 8.31
CA ILE A 211 7.11 -10.29 7.30
C ILE A 211 8.59 -10.65 7.46
N ASN A 212 9.20 -11.11 6.34
CA ASN A 212 10.60 -11.53 6.16
C ASN A 212 11.53 -10.37 5.67
N PHE A 213 11.03 -9.10 5.70
CA PHE A 213 11.75 -7.89 5.25
C PHE A 213 11.75 -6.74 6.27
N PRO A 214 12.88 -5.95 6.41
CA PRO A 214 12.91 -4.84 7.39
C PRO A 214 11.97 -3.68 7.06
N ILE A 215 11.21 -3.23 8.09
CA ILE A 215 10.25 -2.13 8.01
C ILE A 215 10.74 -0.94 8.87
N TYR A 216 11.02 0.19 8.19
CA TYR A 216 11.49 1.47 8.73
C TYR A 216 10.41 2.55 8.75
N VAL A 217 10.46 3.41 9.79
CA VAL A 217 9.56 4.55 10.02
C VAL A 217 10.46 5.80 10.25
N TRP A 218 10.21 6.89 9.46
CA TRP A 218 10.94 8.16 9.53
C TRP A 218 10.51 8.86 10.84
N SER A 219 11.34 8.66 11.88
CA SER A 219 11.14 9.16 13.26
C SER A 219 12.04 10.32 13.68
N SER A 220 11.58 11.07 14.72
CA SER A 220 12.23 12.23 15.35
C SER A 220 12.26 12.02 16.87
N LYS A 221 13.48 12.04 17.45
CA LYS A 221 13.71 11.86 18.90
C LYS A 221 13.42 13.13 19.71
N THR A 222 14.00 14.29 19.29
CA THR A 222 13.89 15.64 19.89
C THR A 222 14.32 15.63 21.36
N GLU A 263 16.43 22.99 21.99
CA GLU A 263 15.54 22.17 21.18
C GLU A 263 16.24 21.66 19.91
N LYS A 264 16.86 20.46 19.99
CA LYS A 264 17.58 19.78 18.90
C LYS A 264 16.78 18.56 18.43
N THR A 265 16.45 18.51 17.12
CA THR A 265 15.68 17.42 16.50
C THR A 265 16.54 16.59 15.54
N VAL A 266 16.55 15.25 15.75
CA VAL A 266 17.29 14.27 14.94
C VAL A 266 16.30 13.38 14.18
N TRP A 267 16.37 13.42 12.83
CA TRP A 267 15.53 12.65 11.91
C TRP A 267 16.33 11.54 11.24
N ASP A 268 15.79 10.29 11.28
CA ASP A 268 16.34 9.05 10.69
C ASP A 268 15.33 7.88 10.69
N TRP A 269 15.55 6.88 9.80
CA TRP A 269 14.74 5.66 9.65
C TRP A 269 14.96 4.75 10.86
N GLU A 270 13.86 4.46 11.60
CA GLU A 270 13.87 3.60 12.79
C GLU A 270 13.28 2.22 12.46
N LEU A 271 14.06 1.15 12.72
CA LEU A 271 13.67 -0.24 12.49
C LEU A 271 12.61 -0.67 13.50
N MET A 272 11.54 -1.32 12.99
CA MET A 272 10.39 -1.79 13.78
C MET A 272 10.35 -3.28 14.05
N ASN A 273 10.71 -4.13 13.05
CA ASN A 273 10.71 -5.60 13.18
C ASN A 273 12.11 -6.20 13.35
#